data_2N6C
#
_entry.id   2N6C
#
loop_
_entity.id
_entity.type
_entity.pdbx_description
1 polymer "DNA (5'-D(*TP*GP*AP*GP*GP*GP*TP*GP*GP*TP*GP*AP*GP*GP*GP*TP*GP*GP*GP*GP*AP*AP*GP*G)-3')"
2 non-polymer "3,5,7,3',4'-PENTAHYDROXYFLAVONE"
#
_entity_poly.entity_id   1
_entity_poly.type   'polydeoxyribonucleotide'
_entity_poly.pdbx_seq_one_letter_code
;(DT)(DG)(DA)(DG)(DG)(DG)(DT)(DG)(DG)(DT)(DG)(DA)(DG)(DG)(DG)(DT)(DG)(DG)(DG)(DG)
(DA)(DA)(DG)(DG)
;
_entity_poly.pdbx_strand_id   A
#